data_2PPQ
#
_entry.id   2PPQ
#
_cell.length_a   61.338
_cell.length_b   100.619
_cell.length_c   134.310
_cell.angle_alpha   90.00
_cell.angle_beta   90.00
_cell.angle_gamma   90.00
#
_symmetry.space_group_name_H-M   'C 2 2 21'
#
loop_
_entity.id
_entity.type
_entity.pdbx_description
1 polymer 'Homoserine kinase'
2 non-polymer 'MAGNESIUM ION'
3 non-polymer 'PHOSPHATE ION'
4 water water
#
_entity_poly.entity_id   1
_entity_poly.type   'polypeptide(L)'
_entity_poly.pdbx_seq_one_letter_code
;(MSE)AVYTDITEDELRNFLTQYDVGSLTSYKGIAEGVENSNFLLHTTKDPLILTLYEKRVEKNDLPFFLGL(MSE)QHL
AAKGLSCPLPLPRKDGELLGELSGRPAALISFLEG(MSE)WLRKPEAKHCREVGKALAA(MSE)HLASEGFEIKRPNALS
VDGWKVLWDKSEERADEVEKGLREEIRPEIDYLAAHWPKDLPAGVIHADLFQDNVFFLGDELSGLIDFYFACNDLLAYDV
SICLNAWCFEKDGAYNVTKGKALLEGYQSVRPLSEAELEALPLLSRGSALRFFLTRLYDWLTTPAGALVVKKDPLEYLRK
LRFHRTIANVAEYGLAGE
;
_entity_poly.pdbx_strand_id   A
#
# COMPACT_ATOMS: atom_id res chain seq x y z
N THR A 5 -18.09 -2.41 12.87
CA THR A 5 -19.21 -3.27 12.37
C THR A 5 -19.12 -4.70 12.92
N ASP A 6 -20.27 -5.26 13.29
CA ASP A 6 -20.33 -6.61 13.80
C ASP A 6 -21.23 -7.46 12.92
N ILE A 7 -21.12 -8.79 13.04
CA ILE A 7 -21.96 -9.73 12.32
C ILE A 7 -22.56 -10.75 13.31
N THR A 8 -23.78 -11.20 13.04
CA THR A 8 -24.44 -12.24 13.83
C THR A 8 -24.07 -13.66 13.35
N GLU A 9 -24.19 -14.62 14.27
CA GLU A 9 -23.83 -16.03 14.01
C GLU A 9 -24.58 -16.67 12.82
N ASP A 10 -25.87 -16.39 12.73
CA ASP A 10 -26.70 -16.99 11.67
C ASP A 10 -26.38 -16.38 10.31
N GLU A 11 -26.21 -15.05 10.27
CA GLU A 11 -25.83 -14.35 9.04
C GLU A 11 -24.52 -14.91 8.48
N LEU A 12 -23.52 -15.04 9.35
CA LEU A 12 -22.20 -15.52 8.93
C LEU A 12 -22.29 -16.98 8.45
N ARG A 13 -23.04 -17.82 9.18
CA ARG A 13 -23.20 -19.21 8.76
C ARG A 13 -23.86 -19.30 7.39
N ASN A 14 -24.90 -18.50 7.16
CA ASN A 14 -25.54 -18.43 5.85
C ASN A 14 -24.58 -17.95 4.77
N PHE A 15 -23.84 -16.90 5.09
CA PHE A 15 -22.80 -16.38 4.20
C PHE A 15 -21.82 -17.49 3.75
N LEU A 16 -21.40 -18.35 4.67
CA LEU A 16 -20.41 -19.36 4.36
C LEU A 16 -20.94 -20.53 3.51
N THR A 17 -22.26 -20.68 3.42
CA THR A 17 -22.87 -21.70 2.53
C THR A 17 -22.72 -21.30 1.06
N GLN A 18 -22.37 -20.03 0.81
CA GLN A 18 -22.09 -19.51 -0.54
C GLN A 18 -20.68 -19.88 -1.01
N TYR A 19 -19.89 -20.49 -0.11
CA TYR A 19 -18.47 -20.83 -0.35
C TYR A 19 -18.24 -22.28 0.03
N ASP A 20 -17.13 -22.86 -0.43
CA ASP A 20 -16.79 -24.23 -0.04
C ASP A 20 -15.61 -24.25 0.92
N VAL A 21 -15.91 -24.05 2.19
CA VAL A 21 -14.92 -23.93 3.24
C VAL A 21 -15.38 -24.83 4.39
N GLY A 22 -14.62 -24.91 5.48
CA GLY A 22 -15.09 -25.69 6.64
C GLY A 22 -16.41 -25.17 7.24
N SER A 23 -16.92 -25.82 8.28
CA SER A 23 -17.96 -25.19 9.10
C SER A 23 -17.33 -24.23 10.10
N LEU A 24 -18.02 -23.12 10.37
CA LEU A 24 -17.55 -22.12 11.32
C LEU A 24 -17.35 -22.66 12.74
N THR A 25 -16.17 -22.47 13.31
CA THR A 25 -15.95 -22.84 14.72
C THR A 25 -15.71 -21.60 15.61
N SER A 26 -15.25 -20.51 15.02
CA SER A 26 -14.87 -19.29 15.75
C SER A 26 -14.78 -18.10 14.80
N TYR A 27 -15.13 -16.91 15.31
CA TYR A 27 -14.82 -15.68 14.62
C TYR A 27 -14.58 -14.50 15.58
N LYS A 28 -13.59 -13.71 15.21
CA LYS A 28 -13.04 -12.65 16.04
C LYS A 28 -12.83 -11.43 15.17
N GLY A 29 -13.33 -10.28 15.60
CA GLY A 29 -12.93 -9.00 15.00
C GLY A 29 -11.43 -8.80 15.23
N ILE A 30 -10.70 -8.40 14.20
CA ILE A 30 -9.25 -8.17 14.34
C ILE A 30 -8.88 -6.74 14.01
N ALA A 31 -7.75 -6.27 14.57
CA ALA A 31 -7.20 -4.90 14.32
C ALA A 31 -6.78 -4.72 12.86
N GLU A 35 -12.10 1.86 3.29
CA GLU A 35 -11.51 1.07 4.38
C GLU A 35 -12.45 -0.09 4.77
N ASN A 36 -12.13 -0.81 5.86
CA ASN A 36 -12.62 -2.20 6.06
C ASN A 36 -12.75 -2.70 7.49
N SER A 37 -13.66 -3.65 7.67
CA SER A 37 -13.78 -4.43 8.90
C SER A 37 -13.36 -5.85 8.59
N ASN A 38 -12.52 -6.41 9.45
CA ASN A 38 -11.91 -7.69 9.21
C ASN A 38 -12.15 -8.67 10.36
N PHE A 39 -12.40 -9.92 9.99
CA PHE A 39 -12.66 -10.99 10.96
C PHE A 39 -11.79 -12.17 10.63
N LEU A 40 -11.21 -12.77 11.66
CA LEU A 40 -10.45 -14.01 11.56
C LEU A 40 -11.40 -15.12 11.93
N LEU A 41 -11.66 -16.00 10.96
CA LEU A 41 -12.51 -17.16 11.13
C LEU A 41 -11.66 -18.42 11.33
N HIS A 42 -12.10 -19.28 12.25
CA HIS A 42 -11.62 -20.65 12.29
C HIS A 42 -12.76 -21.53 11.80
N THR A 43 -12.39 -22.60 11.11
CA THR A 43 -13.35 -23.54 10.55
C THR A 43 -12.84 -24.96 10.82
N THR A 44 -13.62 -25.96 10.42
CA THR A 44 -13.21 -27.36 10.52
C THR A 44 -12.19 -27.74 9.41
N LYS A 45 -11.91 -26.79 8.52
CA LYS A 45 -10.92 -26.94 7.47
C LYS A 45 -9.78 -25.93 7.73
N ASP A 46 -9.68 -24.86 6.94
CA ASP A 46 -8.64 -23.82 7.16
C ASP A 46 -9.19 -22.56 7.77
N PRO A 47 -8.32 -21.76 8.41
CA PRO A 47 -8.77 -20.45 8.84
C PRO A 47 -8.97 -19.51 7.63
N LEU A 48 -9.71 -18.44 7.84
CA LEU A 48 -10.09 -17.56 6.75
C LEU A 48 -10.12 -16.15 7.25
N ILE A 49 -10.10 -15.23 6.31
CA ILE A 49 -10.32 -13.84 6.62
C ILE A 49 -11.65 -13.42 5.95
N LEU A 50 -12.50 -12.77 6.73
CA LEU A 50 -13.70 -12.13 6.21
C LEU A 50 -13.49 -10.63 6.23
N THR A 51 -13.73 -9.99 5.08
CA THR A 51 -13.59 -8.55 4.94
C THR A 51 -14.92 -7.93 4.55
N LEU A 52 -15.38 -6.98 5.37
CA LEU A 52 -16.52 -6.13 5.03
C LEU A 52 -16.00 -4.82 4.50
N TYR A 53 -16.31 -4.51 3.26
CA TYR A 53 -15.85 -3.27 2.65
C TYR A 53 -16.74 -2.08 3.06
N GLU A 54 -16.16 -1.21 3.91
CA GLU A 54 -16.91 -0.10 4.56
C GLU A 54 -16.98 1.05 3.56
N LYS A 55 -17.60 0.76 2.42
CA LYS A 55 -17.20 1.31 1.12
C LYS A 55 -17.59 2.76 0.86
N LYS A 59 -17.22 1.72 -8.62
CA LYS A 59 -17.84 0.43 -8.36
C LYS A 59 -17.11 -0.73 -9.04
N ASN A 60 -16.06 -0.41 -9.80
CA ASN A 60 -15.26 -1.42 -10.52
C ASN A 60 -13.93 -1.66 -9.83
N ASP A 61 -13.78 -1.13 -8.62
CA ASP A 61 -12.51 -1.18 -7.94
C ASP A 61 -12.33 -2.58 -7.34
N LEU A 62 -13.34 -3.09 -6.64
CA LEU A 62 -13.26 -4.47 -6.08
C LEU A 62 -12.97 -5.56 -7.14
N PRO A 63 -13.63 -5.54 -8.30
CA PRO A 63 -13.21 -6.50 -9.32
C PRO A 63 -11.73 -6.36 -9.68
N PHE A 64 -11.23 -5.13 -9.76
CA PHE A 64 -9.82 -4.92 -10.00
C PHE A 64 -8.97 -5.54 -8.87
N PHE A 65 -9.24 -5.15 -7.61
CA PHE A 65 -8.44 -5.58 -6.48
C PHE A 65 -8.47 -7.09 -6.23
N LEU A 66 -9.68 -7.65 -6.23
CA LEU A 66 -9.86 -9.07 -5.99
C LEU A 66 -9.38 -9.86 -7.17
N GLY A 67 -9.64 -9.37 -8.38
CA GLY A 67 -9.14 -10.02 -9.59
C GLY A 67 -7.61 -10.00 -9.65
N LEU A 68 -7.01 -8.90 -9.22
CA LEU A 68 -5.55 -8.83 -9.19
C LEU A 68 -5.01 -9.88 -8.24
N GLN A 70 -6.28 -12.67 -7.28
CA GLN A 70 -6.40 -13.98 -7.92
C GLN A 70 -5.29 -14.25 -8.91
N HIS A 71 -5.09 -13.30 -9.80
CA HIS A 71 -4.09 -13.38 -10.85
C HIS A 71 -2.69 -13.62 -10.31
N LEU A 72 -2.33 -12.84 -9.29
CA LEU A 72 -0.99 -12.93 -8.67
C LEU A 72 -0.83 -14.28 -7.98
N ALA A 73 -1.81 -14.70 -7.16
CA ALA A 73 -1.78 -16.02 -6.54
C ALA A 73 -1.65 -17.12 -7.62
N ALA A 74 -2.49 -17.09 -8.65
CA ALA A 74 -2.40 -18.02 -9.77
C ALA A 74 -0.99 -18.12 -10.39
N LYS A 75 -0.19 -17.06 -10.25
CA LYS A 75 1.18 -17.02 -10.77
C LYS A 75 2.25 -17.29 -9.71
N GLY A 76 1.86 -17.80 -8.55
CA GLY A 76 2.82 -18.17 -7.50
C GLY A 76 3.08 -17.14 -6.40
N LEU A 77 2.70 -15.87 -6.61
CA LEU A 77 2.92 -14.86 -5.59
C LEU A 77 2.24 -15.30 -4.29
N SER A 78 2.90 -15.10 -3.17
CA SER A 78 2.27 -15.34 -1.89
C SER A 78 1.43 -14.15 -1.48
N CYS A 79 0.16 -14.15 -1.87
CA CYS A 79 -0.78 -13.15 -1.41
C CYS A 79 -2.16 -13.78 -1.24
N PRO A 80 -3.04 -13.10 -0.48
CA PRO A 80 -4.31 -13.76 -0.17
C PRO A 80 -5.16 -13.95 -1.42
N LEU A 81 -5.81 -15.12 -1.48
CA LEU A 81 -6.69 -15.52 -2.59
C LEU A 81 -8.16 -15.34 -2.16
N PRO A 82 -8.92 -14.54 -2.92
CA PRO A 82 -10.38 -14.51 -2.73
C PRO A 82 -11.00 -15.89 -3.02
N LEU A 83 -11.74 -16.43 -2.08
CA LEU A 83 -12.36 -17.75 -2.27
C LEU A 83 -13.55 -17.64 -3.25
N PRO A 84 -13.71 -18.63 -4.15
CA PRO A 84 -14.78 -18.55 -5.15
C PRO A 84 -16.19 -18.82 -4.60
N ARG A 85 -17.19 -18.08 -5.07
CA ARG A 85 -18.57 -18.24 -4.66
C ARG A 85 -19.29 -19.29 -5.51
N LYS A 86 -20.18 -20.06 -4.89
CA LYS A 86 -21.00 -21.03 -5.61
C LYS A 86 -21.75 -20.37 -6.76
N ASP A 87 -22.30 -19.18 -6.50
CA ASP A 87 -23.11 -18.48 -7.52
C ASP A 87 -22.30 -17.72 -8.57
N GLY A 88 -20.97 -17.89 -8.56
CA GLY A 88 -20.10 -17.29 -9.54
C GLY A 88 -19.88 -15.79 -9.41
N GLU A 89 -20.64 -15.14 -8.51
CA GLU A 89 -20.42 -13.70 -8.28
C GLU A 89 -19.09 -13.50 -7.58
N LEU A 90 -18.60 -12.26 -7.61
CA LEU A 90 -17.31 -11.92 -7.00
C LEU A 90 -17.49 -11.65 -5.51
N LEU A 91 -18.61 -11.04 -5.15
CA LEU A 91 -18.84 -10.59 -3.80
C LEU A 91 -20.13 -11.12 -3.28
N GLY A 92 -20.19 -11.20 -1.96
CA GLY A 92 -21.44 -11.37 -1.25
C GLY A 92 -21.76 -10.06 -0.56
N GLU A 93 -22.77 -10.12 0.30
CA GLU A 93 -23.13 -9.00 1.14
C GLU A 93 -23.38 -9.51 2.56
N LEU A 94 -22.95 -8.73 3.54
CA LEU A 94 -23.17 -9.04 4.95
C LEU A 94 -23.42 -7.74 5.71
N SER A 95 -24.48 -7.75 6.53
CA SER A 95 -24.96 -6.57 7.27
C SER A 95 -24.77 -5.26 6.52
N GLY A 96 -25.32 -5.20 5.31
CA GLY A 96 -25.33 -4.00 4.51
C GLY A 96 -24.15 -3.83 3.55
N ARG A 97 -22.96 -4.29 3.96
CA ARG A 97 -21.72 -4.05 3.24
C ARG A 97 -21.38 -5.14 2.20
N PRO A 98 -20.65 -4.77 1.14
CA PRO A 98 -20.01 -5.81 0.31
C PRO A 98 -19.04 -6.64 1.15
N ALA A 99 -19.01 -7.94 0.90
CA ALA A 99 -18.21 -8.86 1.72
C ALA A 99 -17.53 -9.95 0.87
N ALA A 100 -16.32 -10.31 1.28
CA ALA A 100 -15.52 -11.33 0.62
C ALA A 100 -14.84 -12.23 1.66
N LEU A 101 -14.78 -13.52 1.38
CA LEU A 101 -13.90 -14.45 2.08
C LEU A 101 -12.59 -14.53 1.34
N ILE A 102 -11.51 -14.52 2.12
CA ILE A 102 -10.15 -14.48 1.60
C ILE A 102 -9.30 -15.51 2.35
N SER A 103 -8.36 -16.15 1.64
CA SER A 103 -7.51 -17.15 2.25
C SER A 103 -6.66 -16.53 3.34
N PHE A 104 -6.20 -17.34 4.27
CA PHE A 104 -5.44 -16.85 5.42
C PHE A 104 -3.95 -17.07 5.16
N LEU A 105 -3.14 -16.02 5.24
CA LEU A 105 -1.69 -16.18 5.10
C LEU A 105 -1.04 -16.20 6.47
N GLU A 106 -0.09 -17.11 6.67
CA GLU A 106 0.71 -17.16 7.90
CA GLU A 106 0.65 -17.10 7.93
C GLU A 106 1.77 -16.06 7.91
N GLY A 107 2.28 -15.77 9.09
CA GLY A 107 3.28 -14.75 9.29
C GLY A 107 2.74 -13.55 10.05
N TRP A 109 3.60 -9.08 10.55
CA TRP A 109 4.27 -7.90 10.05
C TRP A 109 5.29 -7.44 11.08
N LEU A 110 6.41 -6.93 10.58
CA LEU A 110 7.55 -6.56 11.40
C LEU A 110 7.45 -5.17 12.00
N ARG A 111 7.46 -5.14 13.32
CA ARG A 111 7.54 -3.88 14.08
C ARG A 111 8.93 -3.24 14.02
N LYS A 112 9.97 -4.06 13.97
CA LYS A 112 11.35 -3.59 13.96
C LYS A 112 12.13 -4.27 12.80
N PRO A 113 11.79 -3.93 11.55
CA PRO A 113 12.48 -4.54 10.43
C PRO A 113 13.93 -4.09 10.35
N GLU A 114 14.78 -4.99 9.90
CA GLU A 114 16.21 -4.76 9.80
C GLU A 114 16.51 -4.74 8.30
N ALA A 115 17.70 -4.30 7.94
CA ALA A 115 18.00 -4.14 6.52
C ALA A 115 17.81 -5.45 5.74
N LYS A 116 18.11 -6.59 6.36
CA LYS A 116 17.99 -7.89 5.67
C LYS A 116 16.53 -8.15 5.28
N HIS A 117 15.60 -7.65 6.08
CA HIS A 117 14.19 -7.77 5.76
C HIS A 117 13.82 -6.88 4.57
N CYS A 118 14.41 -5.68 4.52
CA CYS A 118 14.17 -4.77 3.42
C CYS A 118 14.57 -5.38 2.08
N ARG A 119 15.62 -6.20 2.06
CA ARG A 119 16.04 -6.93 0.87
C ARG A 119 14.95 -7.90 0.40
N GLU A 120 14.36 -8.64 1.34
CA GLU A 120 13.26 -9.52 1.02
C GLU A 120 12.09 -8.73 0.43
N VAL A 121 11.81 -7.55 0.98
CA VAL A 121 10.74 -6.66 0.51
C VAL A 121 10.97 -6.21 -0.93
N GLY A 122 12.20 -5.80 -1.23
CA GLY A 122 12.56 -5.43 -2.59
C GLY A 122 12.40 -6.58 -3.59
N LYS A 123 12.89 -7.76 -3.23
CA LYS A 123 12.71 -8.96 -4.04
C LYS A 123 11.23 -9.25 -4.33
N ALA A 124 10.40 -9.25 -3.28
CA ALA A 124 8.95 -9.48 -3.38
C ALA A 124 8.20 -8.43 -4.21
N LEU A 125 8.52 -7.15 -4.04
CA LEU A 125 7.90 -6.07 -4.84
C LEU A 125 8.20 -6.29 -6.34
N ALA A 126 9.45 -6.56 -6.69
CA ALA A 126 9.82 -6.88 -8.08
C ALA A 126 9.06 -8.10 -8.59
N ALA A 127 8.98 -9.15 -7.78
CA ALA A 127 8.28 -10.37 -8.17
C ALA A 127 6.81 -10.07 -8.43
N HIS A 129 5.60 -7.07 -9.35
CA HIS A 129 5.53 -6.31 -10.60
C HIS A 129 5.57 -7.22 -11.83
N LEU A 130 6.49 -8.19 -11.83
CA LEU A 130 6.60 -9.20 -12.92
C LEU A 130 5.37 -10.09 -13.04
N ALA A 131 4.85 -10.54 -11.90
CA ALA A 131 3.69 -11.41 -11.87
C ALA A 131 2.43 -10.72 -12.35
N SER A 132 2.37 -9.39 -12.22
CA SER A 132 1.15 -8.63 -12.55
C SER A 132 0.98 -8.47 -14.06
N GLU A 133 2.00 -8.83 -14.82
CA GLU A 133 1.92 -8.82 -16.27
C GLU A 133 0.84 -9.81 -16.73
N GLY A 134 0.02 -9.37 -17.69
CA GLY A 134 -1.04 -10.21 -18.25
C GLY A 134 -2.40 -9.96 -17.61
N PHE A 135 -2.43 -9.22 -16.50
CA PHE A 135 -3.68 -8.87 -15.84
C PHE A 135 -4.22 -7.68 -16.58
N GLU A 136 -5.46 -7.75 -17.06
CA GLU A 136 -5.91 -6.72 -18.00
C GLU A 136 -6.99 -5.77 -17.52
N ILE A 137 -7.50 -5.91 -16.29
CA ILE A 137 -8.42 -4.91 -15.80
C ILE A 137 -7.55 -3.71 -15.47
N LYS A 138 -8.01 -2.51 -15.80
CA LYS A 138 -7.26 -1.28 -15.56
C LYS A 138 -7.87 -0.48 -14.42
N ARG A 139 -7.01 0.16 -13.65
CA ARG A 139 -7.42 1.06 -12.62
C ARG A 139 -6.37 2.15 -12.53
N PRO A 140 -6.72 3.37 -12.95
CA PRO A 140 -5.77 4.47 -12.82
C PRO A 140 -5.49 4.79 -11.36
N ASN A 141 -4.29 5.28 -11.07
CA ASN A 141 -3.95 5.75 -9.73
C ASN A 141 -4.81 7.00 -9.42
N ALA A 142 -5.62 6.92 -8.37
CA ALA A 142 -6.43 8.05 -7.93
C ALA A 142 -5.58 9.01 -7.09
N LEU A 143 -4.39 8.54 -6.69
CA LEU A 143 -3.52 9.27 -5.78
C LEU A 143 -2.14 9.54 -6.41
N SER A 144 -2.16 9.87 -7.70
CA SER A 144 -0.98 10.42 -8.38
C SER A 144 -1.23 11.92 -8.54
N VAL A 145 -0.57 12.55 -9.50
CA VAL A 145 -0.56 14.01 -9.64
C VAL A 145 -1.95 14.69 -9.53
N ASP A 146 -2.94 14.19 -10.27
CA ASP A 146 -4.27 14.84 -10.29
C ASP A 146 -4.94 14.79 -8.93
N GLY A 147 -4.80 13.66 -8.25
CA GLY A 147 -5.31 13.48 -6.90
C GLY A 147 -4.58 14.35 -5.88
N TRP A 148 -3.27 14.50 -6.03
CA TRP A 148 -2.50 15.42 -5.18
C TRP A 148 -3.05 16.85 -5.29
N LYS A 149 -3.34 17.27 -6.51
CA LYS A 149 -3.92 18.60 -6.71
C LYS A 149 -5.28 18.79 -6.00
N VAL A 150 -6.15 17.80 -6.10
CA VAL A 150 -7.44 17.82 -5.42
C VAL A 150 -7.25 17.88 -3.90
N LEU A 151 -6.43 16.98 -3.35
CA LEU A 151 -6.19 16.97 -1.91
C LEU A 151 -5.59 18.30 -1.43
N TRP A 152 -4.65 18.84 -2.17
CA TRP A 152 -4.01 20.10 -1.79
C TRP A 152 -5.01 21.25 -1.85
N ASP A 153 -5.72 21.37 -2.96
CA ASP A 153 -6.77 22.37 -3.12
C ASP A 153 -7.75 22.44 -1.97
N LYS A 154 -8.10 21.27 -1.41
CA LYS A 154 -9.01 21.17 -0.29
C LYS A 154 -8.37 21.49 1.06
N SER A 155 -7.03 21.46 1.14
CA SER A 155 -6.32 21.63 2.40
C SER A 155 -5.50 22.92 2.51
N GLU A 156 -5.29 23.56 1.36
CA GLU A 156 -4.39 24.69 1.16
C GLU A 156 -4.63 25.85 2.12
N GLU A 157 -5.89 26.22 2.31
CA GLU A 157 -6.20 27.39 3.11
C GLU A 157 -5.95 27.21 4.60
N ARG A 158 -5.98 25.96 5.08
CA ARG A 158 -5.71 25.68 6.51
C ARG A 158 -4.37 24.99 6.79
N ALA A 159 -3.51 24.85 5.77
CA ALA A 159 -2.23 24.14 5.95
C ALA A 159 -1.32 24.77 7.01
N ASP A 160 -1.31 26.10 7.07
CA ASP A 160 -0.48 26.85 8.04
C ASP A 160 -0.80 26.54 9.53
N GLU A 161 -1.98 25.98 9.80
CA GLU A 161 -2.34 25.44 11.13
C GLU A 161 -1.39 24.31 11.59
N VAL A 162 -0.88 23.53 10.62
CA VAL A 162 0.06 22.44 10.92
C VAL A 162 1.47 23.00 11.10
N GLU A 163 1.86 23.94 10.24
CA GLU A 163 3.15 24.59 10.38
C GLU A 163 3.17 25.90 9.62
N LYS A 164 3.66 26.95 10.28
CA LYS A 164 3.77 28.24 9.64
C LYS A 164 4.63 28.14 8.40
N GLY A 165 4.15 28.73 7.31
CA GLY A 165 4.85 28.71 6.03
C GLY A 165 4.61 27.49 5.15
N LEU A 166 3.81 26.55 5.64
CA LEU A 166 3.60 25.27 4.95
C LEU A 166 2.97 25.47 3.55
N ARG A 167 2.00 26.37 3.45
CA ARG A 167 1.37 26.65 2.16
C ARG A 167 2.37 27.09 1.09
N GLU A 168 3.29 27.97 1.47
CA GLU A 168 4.21 28.53 0.50
C GLU A 168 5.37 27.62 0.19
N GLU A 169 5.63 26.68 1.10
CA GLU A 169 6.56 25.60 0.85
C GLU A 169 6.03 24.59 -0.17
N ILE A 170 4.76 24.22 -0.07
CA ILE A 170 4.21 23.10 -0.84
C ILE A 170 3.83 23.50 -2.27
N ARG A 171 3.30 24.70 -2.43
CA ARG A 171 2.80 25.15 -3.73
C ARG A 171 3.86 25.07 -4.83
N PRO A 172 5.06 25.63 -4.61
CA PRO A 172 6.06 25.47 -5.66
C PRO A 172 6.43 24.02 -5.95
N GLU A 173 6.42 23.16 -4.92
CA GLU A 173 6.83 21.77 -5.07
C GLU A 173 5.78 20.98 -5.86
N ILE A 174 4.50 21.16 -5.51
CA ILE A 174 3.42 20.47 -6.26
C ILE A 174 3.41 20.94 -7.71
N ASP A 175 3.62 22.24 -7.96
CA ASP A 175 3.67 22.75 -9.34
C ASP A 175 4.82 22.08 -10.09
N TYR A 176 5.96 21.99 -9.45
CA TYR A 176 7.15 21.41 -10.06
C TYR A 176 6.98 19.91 -10.37
N LEU A 177 6.54 19.12 -9.39
CA LEU A 177 6.32 17.70 -9.62
C LEU A 177 5.34 17.50 -10.76
N ALA A 178 4.24 18.26 -10.76
CA ALA A 178 3.24 18.15 -11.84
C ALA A 178 3.85 18.48 -13.19
N ALA A 179 4.69 19.51 -13.27
CA ALA A 179 5.29 19.88 -14.53
C ALA A 179 6.29 18.82 -15.02
N HIS A 180 6.97 18.16 -14.10
CA HIS A 180 8.03 17.22 -14.46
C HIS A 180 7.73 15.75 -14.25
N TRP A 181 6.50 15.41 -13.85
CA TRP A 181 6.22 14.00 -13.52
C TRP A 181 6.53 13.12 -14.75
N PRO A 182 7.35 12.05 -14.57
CA PRO A 182 7.77 11.22 -15.73
C PRO A 182 6.65 10.43 -16.38
N LYS A 183 6.73 10.29 -17.71
CA LYS A 183 5.74 9.61 -18.53
C LYS A 183 6.31 8.26 -19.05
N ASP A 184 7.58 8.30 -19.45
CA ASP A 184 8.17 7.22 -20.23
C ASP A 184 9.08 6.36 -19.39
N LEU A 185 8.52 5.83 -18.30
CA LEU A 185 9.16 4.82 -17.48
C LEU A 185 8.28 3.57 -17.49
N PRO A 186 8.86 2.39 -17.23
CA PRO A 186 8.05 1.18 -17.21
C PRO A 186 6.87 1.29 -16.25
N ALA A 187 5.71 0.88 -16.73
CA ALA A 187 4.46 0.95 -16.03
C ALA A 187 3.89 -0.50 -15.94
N GLY A 188 3.02 -0.75 -14.99
CA GLY A 188 2.40 -2.06 -14.81
C GLY A 188 1.50 -1.92 -13.61
N VAL A 189 1.12 -3.02 -12.98
CA VAL A 189 0.31 -2.91 -11.78
C VAL A 189 1.25 -2.76 -10.58
N ILE A 190 0.97 -1.78 -9.73
CA ILE A 190 1.76 -1.52 -8.56
C ILE A 190 0.88 -1.69 -7.29
N HIS A 191 1.49 -1.95 -6.15
CA HIS A 191 0.74 -2.12 -4.90
C HIS A 191 0.32 -0.75 -4.37
N ALA A 192 1.26 0.20 -4.39
CA ALA A 192 0.99 1.60 -4.07
C ALA A 192 0.74 1.89 -2.58
N ASP A 193 1.01 0.92 -1.70
CA ASP A 193 0.82 1.08 -0.25
C ASP A 193 1.59 0.02 0.54
N LEU A 194 2.78 -0.34 0.08
CA LEU A 194 3.47 -1.49 0.67
C LEU A 194 4.32 -1.03 1.86
N PHE A 195 3.62 -0.69 2.94
CA PHE A 195 4.24 -0.37 4.23
C PHE A 195 4.55 -1.62 5.06
N GLN A 196 5.24 -1.44 6.18
CA GLN A 196 5.61 -2.55 7.06
C GLN A 196 4.43 -3.42 7.42
N ASP A 197 3.29 -2.80 7.70
CA ASP A 197 2.15 -3.59 8.17
C ASP A 197 1.41 -4.37 7.07
N ASN A 198 1.88 -4.29 5.82
CA ASN A 198 1.26 -4.98 4.67
C ASN A 198 2.15 -6.07 4.11
N VAL A 199 3.18 -6.45 4.85
CA VAL A 199 4.09 -7.52 4.48
C VAL A 199 4.22 -8.47 5.68
N PHE A 200 3.99 -9.76 5.46
CA PHE A 200 4.16 -10.79 6.48
C PHE A 200 5.50 -11.52 6.35
N PHE A 201 6.07 -11.86 7.49
CA PHE A 201 7.26 -12.70 7.56
C PHE A 201 6.99 -13.87 8.50
N LEU A 202 7.62 -15.00 8.22
CA LEU A 202 7.77 -16.11 9.14
C LEU A 202 9.24 -16.20 9.42
N GLY A 203 9.66 -15.68 10.58
CA GLY A 203 11.06 -15.54 10.88
C GLY A 203 11.65 -14.44 10.02
N ASP A 204 12.74 -14.71 9.34
CA ASP A 204 13.31 -13.73 8.43
C ASP A 204 12.93 -13.99 6.95
N GLU A 205 12.07 -14.97 6.69
CA GLU A 205 11.57 -15.20 5.35
C GLU A 205 10.25 -14.44 5.16
N LEU A 206 10.17 -13.68 4.06
CA LEU A 206 8.93 -13.00 3.74
C LEU A 206 7.90 -14.07 3.33
N SER A 207 6.73 -14.01 3.94
CA SER A 207 5.72 -15.05 3.73
C SER A 207 4.49 -14.54 2.95
N GLY A 208 4.33 -13.23 2.82
CA GLY A 208 3.25 -12.71 1.99
C GLY A 208 3.14 -11.22 1.86
N LEU A 209 2.47 -10.81 0.79
CA LEU A 209 2.05 -9.43 0.58
C LEU A 209 0.54 -9.34 0.71
N ILE A 210 0.06 -8.35 1.45
CA ILE A 210 -1.37 -8.22 1.70
C ILE A 210 -1.89 -6.81 1.36
N ASP A 211 -3.21 -6.66 1.36
CA ASP A 211 -3.90 -5.38 1.30
C ASP A 211 -3.58 -4.53 0.05
N PHE A 212 -4.19 -4.98 -1.05
CA PHE A 212 -4.00 -4.43 -2.38
C PHE A 212 -5.03 -3.37 -2.75
N TYR A 213 -5.63 -2.71 -1.76
CA TYR A 213 -6.75 -1.83 -2.02
C TYR A 213 -6.37 -0.44 -2.48
N PHE A 214 -5.07 -0.14 -2.58
CA PHE A 214 -4.61 1.01 -3.34
C PHE A 214 -3.96 0.64 -4.67
N ALA A 215 -4.00 -0.65 -5.06
CA ALA A 215 -3.31 -1.10 -6.27
C ALA A 215 -3.91 -0.44 -7.51
N CYS A 216 -3.10 -0.29 -8.55
CA CYS A 216 -3.43 0.53 -9.70
C CYS A 216 -2.35 0.39 -10.75
N ASN A 217 -2.63 0.85 -11.96
CA ASN A 217 -1.64 0.91 -13.02
C ASN A 217 -0.85 2.20 -12.87
N ASP A 218 0.48 2.09 -12.77
CA ASP A 218 1.34 3.24 -12.63
C ASP A 218 2.78 2.79 -12.82
N LEU A 219 3.70 3.74 -12.65
CA LEU A 219 5.12 3.50 -12.89
C LEU A 219 5.65 2.56 -11.81
N LEU A 220 6.35 1.53 -12.26
CA LEU A 220 6.93 0.55 -11.34
C LEU A 220 7.92 1.19 -10.35
N ALA A 221 8.76 2.10 -10.86
CA ALA A 221 9.72 2.80 -10.01
C ALA A 221 9.05 3.76 -9.02
N TYR A 222 7.83 4.20 -9.32
CA TYR A 222 7.06 4.95 -8.33
C TYR A 222 6.68 4.07 -7.11
N ASP A 223 6.35 2.80 -7.35
CA ASP A 223 6.07 1.83 -6.28
C ASP A 223 7.36 1.61 -5.47
N VAL A 224 8.52 1.52 -6.14
CA VAL A 224 9.82 1.42 -5.43
C VAL A 224 10.02 2.63 -4.51
N SER A 225 9.67 3.83 -5.01
CA SER A 225 9.82 5.07 -4.22
C SER A 225 8.91 5.06 -2.99
N ILE A 226 7.72 4.44 -3.07
CA ILE A 226 6.84 4.34 -1.91
C ILE A 226 7.55 3.47 -0.83
N CYS A 227 8.18 2.37 -1.27
CA CYS A 227 8.85 1.46 -0.33
C CYS A 227 10.13 2.07 0.27
N LEU A 228 10.80 2.93 -0.47
CA LEU A 228 11.95 3.68 0.03
C LEU A 228 11.48 4.59 1.19
N ASN A 229 10.38 5.30 0.93
CA ASN A 229 9.74 6.15 1.94
C ASN A 229 9.23 5.39 3.15
N ALA A 230 8.68 4.21 2.92
CA ALA A 230 8.04 3.39 3.92
C ALA A 230 9.01 2.58 4.80
N TRP A 231 10.09 2.07 4.21
CA TRP A 231 10.97 1.11 4.87
C TRP A 231 12.34 1.65 5.25
N CYS A 232 12.79 2.71 4.62
CA CYS A 232 14.20 3.06 4.69
C CYS A 232 14.57 4.28 5.52
N PHE A 233 13.63 4.77 6.31
CA PHE A 233 13.87 5.87 7.24
C PHE A 233 13.65 5.39 8.66
N GLU A 234 14.49 5.84 9.59
CA GLU A 234 14.31 5.54 10.99
C GLU A 234 13.18 6.35 11.64
N LYS A 235 12.77 5.90 12.82
CA LYS A 235 11.66 6.53 13.55
C LYS A 235 11.98 7.97 13.95
N ASP A 236 13.26 8.29 14.13
CA ASP A 236 13.68 9.68 14.32
C ASP A 236 13.83 10.51 13.03
N GLY A 237 13.51 9.94 11.88
CA GLY A 237 13.58 10.65 10.60
C GLY A 237 14.86 10.42 9.79
N ALA A 238 15.86 9.78 10.38
CA ALA A 238 17.14 9.59 9.69
C ALA A 238 16.99 8.62 8.53
N TYR A 239 17.48 8.98 7.35
CA TYR A 239 17.50 8.03 6.21
C TYR A 239 18.54 6.94 6.55
N ASN A 240 18.15 5.70 6.31
CA ASN A 240 19.01 4.55 6.59
C ASN A 240 19.53 3.94 5.28
N VAL A 241 20.76 4.28 4.93
CA VAL A 241 21.36 3.87 3.65
C VAL A 241 21.54 2.33 3.58
N THR A 242 21.71 1.70 4.72
CA THR A 242 21.83 0.26 4.78
C THR A 242 20.53 -0.43 4.34
N LYS A 243 19.40 0.11 4.77
CA LYS A 243 18.10 -0.39 4.38
C LYS A 243 17.80 -0.05 2.92
N GLY A 244 18.17 1.15 2.48
CA GLY A 244 17.95 1.56 1.10
C GLY A 244 18.72 0.71 0.13
N LYS A 245 20.02 0.50 0.40
CA LYS A 245 20.83 -0.48 -0.34
C LYS A 245 20.19 -1.86 -0.44
N ALA A 246 19.75 -2.40 0.71
CA ALA A 246 19.11 -3.73 0.79
C ALA A 246 17.90 -3.79 -0.12
N LEU A 247 17.02 -2.81 0.04
CA LEU A 247 15.76 -2.74 -0.69
C LEU A 247 16.03 -2.73 -2.20
N LEU A 248 16.85 -1.80 -2.66
CA LEU A 248 17.15 -1.60 -4.09
C LEU A 248 17.92 -2.78 -4.71
N GLU A 249 18.92 -3.32 -4.01
CA GLU A 249 19.65 -4.49 -4.47
C GLU A 249 18.72 -5.68 -4.51
N GLY A 250 17.88 -5.86 -3.48
CA GLY A 250 16.87 -6.93 -3.50
C GLY A 250 15.95 -6.84 -4.72
N TYR A 251 15.42 -5.65 -4.97
CA TYR A 251 14.56 -5.42 -6.14
C TYR A 251 15.32 -5.73 -7.46
N GLN A 252 16.53 -5.21 -7.59
CA GLN A 252 17.37 -5.42 -8.79
C GLN A 252 17.71 -6.86 -9.05
N SER A 253 17.84 -7.65 -7.98
CA SER A 253 18.15 -9.06 -8.11
C SER A 253 17.06 -9.85 -8.86
N VAL A 254 15.86 -9.27 -8.98
CA VAL A 254 14.69 -9.95 -9.58
C VAL A 254 14.27 -9.22 -10.87
N ARG A 255 14.20 -7.89 -10.79
CA ARG A 255 13.86 -7.05 -11.92
C ARG A 255 14.80 -5.84 -11.97
N PRO A 256 15.84 -5.93 -12.79
CA PRO A 256 16.74 -4.78 -12.91
C PRO A 256 16.03 -3.47 -13.29
N LEU A 257 16.43 -2.38 -12.66
CA LEU A 257 15.90 -1.06 -12.91
C LEU A 257 16.77 -0.44 -13.98
N SER A 258 16.16 0.28 -14.92
CA SER A 258 16.93 0.89 -15.97
C SER A 258 17.65 2.09 -15.40
N GLU A 259 18.58 2.60 -16.18
CA GLU A 259 19.24 3.87 -15.89
C GLU A 259 18.22 5.02 -15.72
N ALA A 260 17.22 5.05 -16.59
CA ALA A 260 16.17 6.07 -16.53
C ALA A 260 15.36 5.94 -15.24
N GLU A 261 15.08 4.71 -14.82
CA GLU A 261 14.32 4.49 -13.57
C GLU A 261 15.11 4.93 -12.35
N LEU A 262 16.40 4.58 -12.32
CA LEU A 262 17.24 4.92 -11.16
C LEU A 262 17.43 6.42 -11.06
N GLU A 263 17.65 7.05 -12.20
CA GLU A 263 17.77 8.48 -12.28
C GLU A 263 16.52 9.23 -11.78
N ALA A 264 15.34 8.66 -12.08
CA ALA A 264 14.05 9.25 -11.66
C ALA A 264 13.68 9.07 -10.17
N LEU A 265 14.39 8.22 -9.44
CA LEU A 265 13.96 7.83 -8.10
C LEU A 265 13.83 8.97 -7.12
N PRO A 266 14.81 9.90 -7.11
CA PRO A 266 14.64 11.10 -6.25
C PRO A 266 13.36 11.91 -6.52
N LEU A 267 13.07 12.20 -7.76
CA LEU A 267 11.83 12.91 -8.11
C LEU A 267 10.57 12.12 -7.75
N LEU A 268 10.60 10.82 -8.06
CA LEU A 268 9.46 9.95 -7.75
C LEU A 268 9.24 9.86 -6.25
N SER A 269 10.33 9.86 -5.48
CA SER A 269 10.29 9.77 -4.03
C SER A 269 9.78 11.04 -3.40
N ARG A 270 10.02 12.18 -4.05
CA ARG A 270 9.39 13.45 -3.64
C ARG A 270 7.89 13.39 -3.86
N GLY A 271 7.51 12.85 -5.00
CA GLY A 271 6.12 12.62 -5.32
C GLY A 271 5.41 11.70 -4.34
N SER A 272 5.97 10.51 -4.07
CA SER A 272 5.32 9.63 -3.10
C SER A 272 5.32 10.22 -1.69
N ALA A 273 6.39 10.94 -1.32
CA ALA A 273 6.41 11.60 0.00
C ALA A 273 5.29 12.61 0.07
N LEU A 274 5.08 13.38 -0.99
CA LEU A 274 4.02 14.38 -1.02
C LEU A 274 2.63 13.72 -0.92
N ARG A 275 2.47 12.58 -1.57
CA ARG A 275 1.23 11.84 -1.54
C ARG A 275 0.77 11.49 -0.13
N PHE A 276 1.69 10.99 0.69
CA PHE A 276 1.39 10.68 2.08
C PHE A 276 1.28 11.92 2.96
N PHE A 277 2.11 12.93 2.68
CA PHE A 277 1.92 14.25 3.30
C PHE A 277 0.47 14.76 3.11
N LEU A 278 -0.03 14.67 1.87
CA LEU A 278 -1.32 15.24 1.54
C LEU A 278 -2.49 14.50 2.18
N THR A 279 -2.43 13.17 2.24
CA THR A 279 -3.57 12.43 2.84
C THR A 279 -3.58 12.63 4.33
N ARG A 280 -2.40 12.55 4.93
CA ARG A 280 -2.18 12.88 6.35
C ARG A 280 -2.59 14.31 6.70
N LEU A 281 -2.25 15.27 5.85
CA LEU A 281 -2.70 16.65 6.03
C LEU A 281 -4.22 16.75 6.01
N TYR A 282 -4.86 16.14 5.00
CA TYR A 282 -6.31 16.20 4.89
C TYR A 282 -6.98 15.53 6.08
N ASP A 283 -6.49 14.36 6.48
CA ASP A 283 -7.03 13.68 7.66
C ASP A 283 -6.85 14.51 8.91
N TRP A 284 -5.72 15.20 9.02
CA TRP A 284 -5.41 15.99 10.21
C TRP A 284 -6.34 17.20 10.37
N LEU A 285 -6.58 17.90 9.27
CA LEU A 285 -7.43 19.07 9.27
C LEU A 285 -8.91 18.72 9.42
N THR A 286 -9.24 17.50 9.06
CA THR A 286 -10.61 17.07 8.89
C THR A 286 -11.10 16.22 10.09
N THR A 287 -10.20 15.88 11.02
CA THR A 287 -10.59 15.12 12.21
C THR A 287 -11.18 16.08 13.22
N PRO A 288 -12.39 15.76 13.76
CA PRO A 288 -13.15 16.70 14.61
C PRO A 288 -12.34 17.35 15.74
N ALA A 289 -12.61 18.65 15.98
CA ALA A 289 -11.92 19.42 17.02
C ALA A 289 -12.20 18.81 18.39
N GLY A 290 -11.15 18.25 19.01
CA GLY A 290 -11.28 17.58 20.30
C GLY A 290 -11.79 16.15 20.16
N ALA A 291 -10.91 15.27 19.72
CA ALA A 291 -11.12 13.82 19.80
C ALA A 291 -9.84 13.18 20.34
N LEU A 292 -9.89 11.91 20.72
CA LEU A 292 -8.69 11.18 21.17
C LEU A 292 -8.32 10.00 20.26
N VAL A 293 -8.40 10.24 18.95
CA VAL A 293 -7.51 9.57 18.02
C VAL A 293 -6.31 10.49 17.96
N VAL A 294 -5.11 9.93 18.18
CA VAL A 294 -3.87 10.66 17.90
C VAL A 294 -3.62 10.45 16.40
N LYS A 295 -3.41 11.55 15.70
CA LYS A 295 -3.46 11.58 14.24
C LYS A 295 -2.04 11.64 13.71
N LYS A 296 -1.82 11.00 12.57
CA LYS A 296 -0.51 10.90 11.97
C LYS A 296 0.01 12.26 11.56
N ASP A 297 1.27 12.52 11.86
CA ASP A 297 1.88 13.82 11.64
C ASP A 297 2.24 13.97 10.15
N PRO A 298 1.62 14.94 9.45
CA PRO A 298 2.01 15.11 8.05
C PRO A 298 3.45 15.59 7.90
N LEU A 299 4.00 16.24 8.93
CA LEU A 299 5.37 16.78 8.84
C LEU A 299 6.45 15.68 8.68
N GLU A 300 6.17 14.48 9.15
CA GLU A 300 7.06 13.35 8.89
C GLU A 300 7.37 13.19 7.40
N TYR A 301 6.34 13.27 6.57
CA TYR A 301 6.49 13.15 5.14
C TYR A 301 7.00 14.41 4.46
N LEU A 302 6.73 15.59 5.03
CA LEU A 302 7.40 16.81 4.52
C LEU A 302 8.90 16.70 4.74
N ARG A 303 9.32 16.12 5.87
CA ARG A 303 10.73 15.95 6.12
C ARG A 303 11.37 14.98 5.15
N LYS A 304 10.67 13.88 4.82
CA LYS A 304 11.15 12.92 3.84
C LYS A 304 11.27 13.59 2.48
N LEU A 305 10.27 14.38 2.10
CA LEU A 305 10.27 15.09 0.81
C LEU A 305 11.49 16.00 0.68
N ARG A 306 11.76 16.79 1.72
CA ARG A 306 12.96 17.64 1.69
C ARG A 306 14.24 16.82 1.56
N PHE A 307 14.33 15.70 2.27
CA PHE A 307 15.52 14.84 2.14
C PHE A 307 15.74 14.39 0.70
N HIS A 308 14.68 13.97 0.01
CA HIS A 308 14.80 13.50 -1.38
C HIS A 308 15.31 14.57 -2.37
N ARG A 309 14.96 15.83 -2.14
CA ARG A 309 15.53 16.96 -2.89
C ARG A 309 17.07 17.07 -2.82
N THR A 310 17.66 16.55 -1.75
CA THR A 310 19.11 16.60 -1.57
C THR A 310 19.85 15.52 -2.34
N ILE A 311 19.12 14.55 -2.89
CA ILE A 311 19.73 13.39 -3.52
C ILE A 311 20.08 13.66 -4.98
N ALA A 312 21.38 13.63 -5.31
CA ALA A 312 21.84 13.87 -6.68
C ALA A 312 22.03 12.60 -7.48
N ASN A 313 22.09 11.46 -6.80
CA ASN A 313 22.43 10.20 -7.43
C ASN A 313 21.91 9.06 -6.59
N VAL A 314 21.37 8.06 -7.27
CA VAL A 314 20.86 6.87 -6.63
C VAL A 314 21.91 6.17 -5.76
N ALA A 315 23.20 6.40 -6.03
CA ALA A 315 24.25 5.89 -5.16
C ALA A 315 24.03 6.33 -3.71
N GLU A 316 23.48 7.53 -3.55
CA GLU A 316 23.24 8.08 -2.22
C GLU A 316 22.11 7.43 -1.46
N TYR A 317 21.19 6.79 -2.17
CA TYR A 317 20.20 5.95 -1.49
C TYR A 317 20.81 4.64 -0.98
N GLY A 318 21.99 4.29 -1.51
CA GLY A 318 22.73 3.12 -1.07
C GLY A 318 23.12 2.14 -2.17
N LEU A 319 22.70 2.42 -3.40
CA LEU A 319 22.89 1.50 -4.52
C LEU A 319 24.07 1.92 -5.38
N ALA A 320 25.24 1.39 -5.07
CA ALA A 320 26.37 1.45 -6.00
C ALA A 320 27.59 0.77 -5.43
#